data_6PDN
#
_entry.id   6PDN
#
_cell.length_a   98.001
_cell.length_b   98.001
_cell.length_c   80.248
_cell.angle_alpha   90.000
_cell.angle_beta   90.000
_cell.angle_gamma   120.000
#
_symmetry.space_group_name_H-M   'P 65'
#
loop_
_entity.id
_entity.type
_entity.pdbx_description
1 polymer 'Serine/threonine-protein kinase pim-1'
2 polymer peptide
3 non-polymer '4-{5-[(3-aminopropyl)carbamoyl]thiophen-2-yl}-1-benzothiophene-2-carboxylic acid'
4 non-polymer GLYCEROL
5 water water
#
loop_
_entity_poly.entity_id
_entity_poly.type
_entity_poly.pdbx_seq_one_letter_code
_entity_poly.pdbx_strand_id
1 'polypeptide(L)'
;SMLLSKINSLAHLRAAPCNDLHATKLAPGKEKEPLESQYQVGPLLGSGGFGSVYSGIRVSDNLPVAIKHVEKDRISDWGE
LPNGTRVPMEVVLLKKVSSGFSGVIRLLDWFERPDSFVLILERPEPVQDLFDFITERGALQEELARSFFWQVLEAVRHCH
NCGVLHRDIKDENILIDLNRGELKLIDFGSGALLKDTVYTDFDGTRVYSPPEWIRYHRYHGRSAAVWSLGILLYDMVCGD
IPFEHDEEIIGGQVFFRQRVS(SEP)ECQHLIRWCLALRPSDRPTFEEIQNHPWMQDVLLPQETAEIHLHSLSPGPS
;
A
2 'polypeptide(L)' ARKRRRHPSGPPTA B
#
loop_
_chem_comp.id
_chem_comp.type
_chem_comp.name
_chem_comp.formula
GOL non-polymer GLYCEROL 'C3 H8 O3'
OD4 non-polymer '4-{5-[(3-aminopropyl)carbamoyl]thiophen-2-yl}-1-benzothiophene-2-carboxylic acid' 'C17 H16 N2 O3 S2'
#
# COMPACT_ATOMS: atom_id res chain seq x y z
N GLU A 33 11.91 27.62 11.23
CA GLU A 33 11.61 26.82 12.45
C GLU A 33 12.34 25.46 12.38
N PRO A 34 13.45 25.26 13.13
CA PRO A 34 14.18 23.99 13.12
C PRO A 34 13.36 22.74 13.48
N LEU A 35 13.71 21.61 12.85
CA LEU A 35 13.13 20.26 13.08
C LEU A 35 13.44 19.77 14.50
N GLU A 36 14.65 20.07 14.98
CA GLU A 36 15.26 19.50 16.22
C GLU A 36 14.47 20.00 17.45
N SER A 37 13.81 21.16 17.35
CA SER A 37 13.01 21.79 18.44
C SER A 37 11.53 21.37 18.37
N GLN A 38 10.96 21.26 17.16
CA GLN A 38 9.51 21.01 16.95
C GLN A 38 9.13 19.58 17.33
N TYR A 39 10.08 18.62 17.31
CA TYR A 39 9.81 17.17 17.46
C TYR A 39 10.85 16.53 18.40
N GLN A 40 10.37 15.58 19.22
CA GLN A 40 11.18 14.73 20.12
C GLN A 40 11.35 13.35 19.49
N VAL A 41 12.60 12.95 19.21
CA VAL A 41 12.96 11.76 18.38
C VAL A 41 13.20 10.56 19.31
N GLY A 42 12.48 9.46 19.09
CA GLY A 42 12.63 8.21 19.87
C GLY A 42 13.51 7.20 19.15
N PRO A 43 13.17 5.90 19.23
CA PRO A 43 13.96 4.83 18.59
C PRO A 43 13.53 4.51 17.15
N LEU A 44 14.37 3.79 16.42
CA LEU A 44 14.10 3.31 15.05
C LEU A 44 12.76 2.57 15.01
N LEU A 45 12.23 2.36 13.80
CA LEU A 45 11.05 1.49 13.52
C LEU A 45 11.41 0.50 12.40
N GLY A 46 12.05 0.98 11.33
CA GLY A 46 12.63 0.18 10.23
C GLY A 46 13.43 1.02 9.25
N SER A 47 13.79 0.46 8.09
CA SER A 47 14.44 1.15 6.94
C SER A 47 14.39 0.26 5.69
N SER A 52 14.92 4.52 6.68
CA SER A 52 15.33 4.94 8.06
C SER A 52 14.22 5.77 8.67
N VAL A 53 13.35 5.15 9.48
CA VAL A 53 12.12 5.77 10.04
C VAL A 53 12.14 5.61 11.57
N TYR A 54 11.94 6.71 12.30
CA TYR A 54 12.06 6.79 13.77
C TYR A 54 10.69 7.10 14.36
N SER A 55 10.40 6.54 15.54
CA SER A 55 9.25 6.97 16.37
C SER A 55 9.57 8.36 16.89
N GLY A 56 8.55 9.20 17.02
CA GLY A 56 8.72 10.59 17.44
C GLY A 56 7.43 11.14 18.00
N ILE A 57 7.50 12.36 18.53
CA ILE A 57 6.37 13.05 19.21
C ILE A 57 6.52 14.55 18.94
N ARG A 58 5.45 15.20 18.47
CA ARG A 58 5.40 16.66 18.19
C ARG A 58 5.17 17.39 19.51
N VAL A 59 6.05 18.33 19.87
CA VAL A 59 6.07 18.95 21.23
C VAL A 59 4.82 19.81 21.41
N SER A 60 4.44 20.57 20.38
CA SER A 60 3.30 21.54 20.42
C SER A 60 1.98 20.86 20.80
N ASP A 61 1.92 19.52 20.91
CA ASP A 61 0.70 18.81 21.38
C ASP A 61 0.91 17.31 21.65
N ASN A 62 2.15 16.84 21.74
CA ASN A 62 2.49 15.42 22.06
C ASN A 62 1.84 14.43 21.08
N LEU A 63 1.63 14.83 19.82
CA LEU A 63 1.06 13.94 18.78
C LEU A 63 2.09 12.86 18.46
N PRO A 64 1.70 11.57 18.39
CA PRO A 64 2.60 10.55 17.86
C PRO A 64 2.82 10.78 16.36
N VAL A 65 4.09 10.87 15.95
CA VAL A 65 4.52 11.05 14.54
C VAL A 65 5.53 9.96 14.18
N ALA A 66 5.76 9.75 12.89
CA ALA A 66 6.91 8.96 12.36
C ALA A 66 7.79 9.92 11.58
N ILE A 67 9.09 9.80 11.74
CA ILE A 67 10.11 10.71 11.14
C ILE A 67 10.96 9.87 10.19
N LYS A 68 10.74 10.06 8.88
CA LYS A 68 11.37 9.27 7.80
C LYS A 68 12.49 10.10 7.17
N HIS A 69 13.69 9.54 7.12
CA HIS A 69 14.91 10.15 6.55
C HIS A 69 15.18 9.48 5.20
N VAL A 70 15.42 10.29 4.18
CA VAL A 70 15.73 9.84 2.80
C VAL A 70 16.99 10.58 2.36
N GLU A 71 18.01 9.83 1.93
CA GLU A 71 19.32 10.36 1.46
C GLU A 71 19.08 10.93 0.06
N LYS A 72 19.52 12.17 -0.20
CA LYS A 72 19.38 12.81 -1.54
C LYS A 72 20.04 11.93 -2.62
N ASP A 73 21.15 11.27 -2.28
CA ASP A 73 21.99 10.48 -3.23
C ASP A 73 21.26 9.21 -3.68
N ARG A 74 20.16 8.82 -3.01
CA ARG A 74 19.42 7.55 -3.27
C ARG A 74 18.12 7.81 -4.04
N ILE A 75 17.74 9.09 -4.24
CA ILE A 75 16.48 9.49 -4.92
C ILE A 75 16.70 9.46 -6.44
N SER A 76 15.80 8.84 -7.19
CA SER A 76 15.81 8.76 -8.68
C SER A 76 14.84 9.81 -9.26
N ASP A 77 13.58 9.81 -8.81
CA ASP A 77 12.52 10.73 -9.31
C ASP A 77 12.45 11.97 -8.43
N TRP A 78 12.57 13.14 -9.05
CA TRP A 78 12.46 14.46 -8.39
C TRP A 78 11.29 15.24 -8.99
N GLY A 79 10.40 15.75 -8.15
CA GLY A 79 9.32 16.66 -8.56
C GLY A 79 9.71 18.10 -8.26
N GLU A 80 8.84 19.03 -8.61
CA GLU A 80 8.90 20.46 -8.22
C GLU A 80 7.58 20.79 -7.54
N LEU A 81 7.62 21.62 -6.50
CA LEU A 81 6.41 22.18 -5.86
C LEU A 81 6.01 23.45 -6.62
N PRO A 82 4.83 24.04 -6.33
CA PRO A 82 4.52 25.40 -6.77
C PRO A 82 5.69 26.39 -6.56
N ASN A 83 6.26 26.43 -5.34
CA ASN A 83 7.44 27.26 -4.99
C ASN A 83 8.55 27.10 -6.04
N GLY A 84 8.60 25.97 -6.75
CA GLY A 84 9.70 25.60 -7.66
C GLY A 84 10.71 24.70 -6.96
N THR A 85 10.74 24.74 -5.61
CA THR A 85 11.57 23.89 -4.72
C THR A 85 11.63 22.46 -5.28
N ARG A 86 12.83 22.00 -5.67
CA ARG A 86 13.13 20.63 -6.15
C ARG A 86 13.02 19.67 -4.95
N VAL A 87 12.06 18.73 -4.97
CA VAL A 87 11.81 17.78 -3.84
C VAL A 87 11.72 16.36 -4.39
N PRO A 88 11.83 15.32 -3.53
CA PRO A 88 11.60 13.96 -3.98
C PRO A 88 10.14 13.80 -4.39
N MET A 89 9.88 12.98 -5.42
CA MET A 89 8.50 12.71 -5.93
C MET A 89 7.62 12.29 -4.75
N GLU A 90 8.19 11.52 -3.82
CA GLU A 90 7.47 10.99 -2.63
C GLU A 90 6.75 12.15 -1.93
N VAL A 91 7.41 13.31 -1.77
CA VAL A 91 6.84 14.51 -1.10
C VAL A 91 5.71 15.06 -1.97
N VAL A 92 5.91 15.13 -3.28
CA VAL A 92 4.90 15.62 -4.25
C VAL A 92 3.64 14.75 -4.13
N LEU A 93 3.83 13.43 -4.20
CA LEU A 93 2.74 12.41 -4.12
C LEU A 93 2.03 12.49 -2.77
N LEU A 94 2.77 12.51 -1.66
CA LEU A 94 2.17 12.58 -0.30
C LEU A 94 1.34 13.86 -0.14
N LYS A 95 1.78 15.00 -0.66
CA LYS A 95 1.03 16.29 -0.57
C LYS A 95 -0.29 16.19 -1.34
N LYS A 96 -0.29 15.55 -2.51
CA LYS A 96 -1.50 15.39 -3.35
C LYS A 96 -2.53 14.48 -2.65
N VAL A 97 -2.13 13.53 -1.79
CA VAL A 97 -3.09 12.57 -1.17
C VAL A 97 -3.37 12.91 0.29
N SER A 98 -2.69 13.89 0.90
CA SER A 98 -2.77 14.14 2.36
C SER A 98 -3.92 15.10 2.71
N SER A 99 -5.02 15.07 1.95
CA SER A 99 -6.13 16.05 1.96
C SER A 99 -7.14 15.81 3.10
N GLY A 100 -7.05 14.71 3.86
CA GLY A 100 -7.88 14.48 5.08
C GLY A 100 -8.59 13.12 5.10
N PHE A 101 -8.85 12.49 3.94
CA PHE A 101 -9.32 11.09 3.86
C PHE A 101 -8.25 10.21 4.49
N SER A 102 -8.65 9.43 5.49
CA SER A 102 -7.75 8.84 6.51
C SER A 102 -7.19 7.47 6.07
N GLY A 103 -7.44 7.03 4.82
CA GLY A 103 -6.99 5.72 4.31
C GLY A 103 -5.54 5.70 3.89
N VAL A 104 -4.90 6.86 3.90
CA VAL A 104 -3.44 7.05 3.62
C VAL A 104 -2.80 7.69 4.86
N ILE A 105 -1.58 7.26 5.22
CA ILE A 105 -0.75 7.98 6.23
C ILE A 105 -0.42 9.36 5.62
N ARG A 106 -0.81 10.42 6.32
CA ARG A 106 -0.70 11.83 5.91
C ARG A 106 0.70 12.37 6.24
N LEU A 107 1.28 13.13 5.30
CA LEU A 107 2.49 13.97 5.53
C LEU A 107 2.05 15.24 6.26
N LEU A 108 2.57 15.45 7.47
CA LEU A 108 2.20 16.57 8.39
C LEU A 108 3.15 17.75 8.16
N ASP A 109 4.38 17.45 7.75
CA ASP A 109 5.45 18.47 7.54
C ASP A 109 6.64 17.79 6.86
N TRP A 110 7.55 18.56 6.31
CA TRP A 110 8.84 18.04 5.77
C TRP A 110 9.92 19.13 5.86
N PHE A 111 11.18 18.74 5.76
CA PHE A 111 12.37 19.61 5.94
C PHE A 111 13.46 19.13 4.99
N GLU A 112 14.21 20.07 4.44
CA GLU A 112 15.43 19.77 3.64
C GLU A 112 16.67 19.99 4.53
N ARG A 113 17.66 19.11 4.36
CA ARG A 113 18.98 19.15 5.02
C ARG A 113 20.03 18.97 3.92
N PRO A 114 21.32 19.24 4.18
CA PRO A 114 22.36 19.11 3.16
C PRO A 114 22.26 17.85 2.28
N ASP A 115 22.24 16.66 2.88
CA ASP A 115 22.37 15.38 2.13
C ASP A 115 21.09 14.54 2.24
N SER A 116 20.02 15.06 2.84
CA SER A 116 18.78 14.29 3.12
C SER A 116 17.52 15.17 3.17
N PHE A 117 16.35 14.52 3.01
CA PHE A 117 15.02 15.08 3.34
C PHE A 117 14.45 14.33 4.54
N VAL A 118 13.65 15.02 5.34
CA VAL A 118 12.99 14.48 6.56
C VAL A 118 11.49 14.71 6.41
N LEU A 119 10.72 13.62 6.39
CA LEU A 119 9.25 13.61 6.28
C LEU A 119 8.67 13.41 7.68
N ILE A 120 7.75 14.27 8.09
CA ILE A 120 6.93 14.04 9.32
C ILE A 120 5.60 13.41 8.90
N LEU A 121 5.32 12.21 9.39
CA LEU A 121 4.10 11.44 9.05
C LEU A 121 3.32 11.16 10.33
N GLU A 122 2.03 10.86 10.19
CA GLU A 122 1.21 10.45 11.36
C GLU A 122 1.61 9.03 11.75
N ARG A 123 1.46 8.75 13.03
CA ARG A 123 1.73 7.42 13.65
C ARG A 123 0.52 7.05 14.50
N PRO A 124 -0.33 6.12 14.02
CA PRO A 124 -1.33 5.51 14.88
C PRO A 124 -0.59 4.65 15.91
N GLU A 125 -1.14 4.58 17.11
CA GLU A 125 -0.78 3.57 18.13
C GLU A 125 -2.06 3.18 18.86
N PRO A 126 -2.30 1.87 19.10
CA PRO A 126 -1.36 0.83 18.67
C PRO A 126 -1.54 0.54 17.16
N VAL A 127 -0.48 0.04 16.53
CA VAL A 127 -0.43 -0.22 15.07
C VAL A 127 0.28 -1.55 14.82
N GLN A 128 -0.16 -2.30 13.81
CA GLN A 128 0.60 -3.45 13.26
C GLN A 128 0.49 -3.40 11.74
N ASP A 129 1.55 -3.80 11.04
CA ASP A 129 1.55 -3.87 9.57
C ASP A 129 0.89 -5.20 9.18
N LEU A 130 0.24 -5.21 8.01
CA LEU A 130 -0.63 -6.30 7.54
C LEU A 130 0.24 -7.53 7.28
N PHE A 131 1.50 -7.34 6.93
CA PHE A 131 2.43 -8.47 6.70
C PHE A 131 2.57 -9.25 8.02
N ASP A 132 2.95 -8.56 9.10
CA ASP A 132 3.14 -9.16 10.45
C ASP A 132 1.80 -9.73 10.95
N PHE A 133 0.69 -9.04 10.70
CA PHE A 133 -0.66 -9.45 11.17
C PHE A 133 -1.03 -10.80 10.55
N ILE A 134 -0.76 -10.97 9.26
CA ILE A 134 -1.08 -12.22 8.52
C ILE A 134 -0.08 -13.31 8.92
N THR A 135 1.17 -12.95 9.18
CA THR A 135 2.21 -13.89 9.65
C THR A 135 1.77 -14.52 10.97
N GLU A 136 1.19 -13.74 11.89
CA GLU A 136 0.77 -14.20 13.24
C GLU A 136 -0.61 -14.88 13.21
N ARG A 137 -1.53 -14.39 12.40
CA ARG A 137 -2.94 -14.87 12.41
C ARG A 137 -3.11 -16.00 11.41
N GLY A 138 -2.18 -16.16 10.47
CA GLY A 138 -2.36 -16.99 9.27
C GLY A 138 -3.48 -16.45 8.39
N ALA A 139 -3.97 -17.27 7.45
CA ALA A 139 -5.10 -16.96 6.54
C ALA A 139 -6.21 -16.25 7.32
N LEU A 140 -6.73 -15.13 6.81
CA LEU A 140 -7.83 -14.38 7.46
C LEU A 140 -9.19 -14.96 7.06
N GLN A 141 -10.14 -14.92 8.00
CA GLN A 141 -11.58 -15.14 7.72
C GLN A 141 -12.04 -14.18 6.61
N GLU A 142 -12.88 -14.66 5.70
CA GLU A 142 -13.31 -13.88 4.51
C GLU A 142 -13.92 -12.54 4.97
N GLU A 143 -14.69 -12.56 6.05
CA GLU A 143 -15.35 -11.37 6.60
C GLU A 143 -14.30 -10.28 6.92
N LEU A 144 -13.23 -10.67 7.60
CA LEU A 144 -12.12 -9.76 7.96
C LEU A 144 -11.40 -9.31 6.67
N ALA A 145 -11.12 -10.25 5.77
CA ALA A 145 -10.38 -9.99 4.51
C ALA A 145 -11.21 -9.03 3.67
N ARG A 146 -12.55 -9.17 3.74
CA ARG A 146 -13.51 -8.36 2.95
C ARG A 146 -13.41 -6.91 3.42
N SER A 147 -13.38 -6.70 4.73
CA SER A 147 -13.29 -5.37 5.35
C SER A 147 -11.95 -4.72 4.98
N PHE A 148 -10.85 -5.47 5.16
CA PHE A 148 -9.46 -5.01 4.87
C PHE A 148 -9.34 -4.62 3.39
N PHE A 149 -9.70 -5.54 2.50
CA PHE A 149 -9.61 -5.34 1.04
C PHE A 149 -10.46 -4.13 0.63
N TRP A 150 -11.69 -4.04 1.12
CA TRP A 150 -12.58 -2.89 0.83
C TRP A 150 -11.86 -1.57 1.16
N GLN A 151 -11.29 -1.46 2.36
CA GLN A 151 -10.63 -0.20 2.81
C GLN A 151 -9.43 0.09 1.90
N VAL A 152 -8.69 -0.94 1.48
CA VAL A 152 -7.52 -0.75 0.56
C VAL A 152 -8.06 -0.21 -0.77
N LEU A 153 -9.14 -0.79 -1.26
CA LEU A 153 -9.79 -0.32 -2.51
C LEU A 153 -10.17 1.17 -2.38
N GLU A 154 -10.80 1.57 -1.28
CA GLU A 154 -11.21 2.99 -1.08
C GLU A 154 -9.98 3.89 -1.06
N ALA A 155 -8.90 3.44 -0.41
CA ALA A 155 -7.64 4.20 -0.27
C ALA A 155 -6.97 4.35 -1.64
N VAL A 156 -6.95 3.28 -2.46
CA VAL A 156 -6.30 3.34 -3.80
C VAL A 156 -7.14 4.21 -4.74
N ARG A 157 -8.47 4.12 -4.67
CA ARG A 157 -9.40 5.02 -5.42
C ARG A 157 -9.08 6.47 -5.06
N HIS A 158 -8.89 6.75 -3.75
CA HIS A 158 -8.52 8.09 -3.25
C HIS A 158 -7.24 8.55 -3.96
N CYS A 159 -6.19 7.72 -3.99
CA CYS A 159 -4.91 8.10 -4.62
C CYS A 159 -5.16 8.41 -6.10
N HIS A 160 -5.85 7.52 -6.80
CA HIS A 160 -6.12 7.68 -8.25
C HIS A 160 -6.85 9.01 -8.48
N ASN A 161 -7.86 9.31 -7.65
CA ASN A 161 -8.69 10.53 -7.74
C ASN A 161 -7.81 11.77 -7.55
N CYS A 162 -6.71 11.66 -6.79
CA CYS A 162 -5.74 12.75 -6.51
C CYS A 162 -4.57 12.73 -7.51
N GLY A 163 -4.60 11.89 -8.54
CA GLY A 163 -3.58 11.87 -9.61
C GLY A 163 -2.32 11.10 -9.21
N VAL A 164 -2.42 10.22 -8.19
CA VAL A 164 -1.25 9.46 -7.64
C VAL A 164 -1.43 7.96 -7.86
N LEU A 165 -0.39 7.31 -8.36
CA LEU A 165 -0.30 5.84 -8.51
C LEU A 165 0.72 5.32 -7.49
N HIS A 166 0.32 4.41 -6.61
CA HIS A 166 1.21 3.95 -5.50
C HIS A 166 2.36 3.08 -6.05
N ARG A 167 2.04 2.06 -6.84
CA ARG A 167 3.01 1.14 -7.51
C ARG A 167 3.72 0.17 -6.55
N ASP A 168 3.37 0.12 -5.28
CA ASP A 168 3.96 -0.89 -4.35
C ASP A 168 2.91 -1.31 -3.31
N ILE A 169 1.69 -1.60 -3.76
CA ILE A 169 0.61 -2.14 -2.88
C ILE A 169 1.05 -3.55 -2.47
N LYS A 170 1.15 -3.79 -1.17
CA LYS A 170 1.47 -5.12 -0.59
C LYS A 170 1.16 -5.05 0.90
N ASP A 171 1.09 -6.20 1.59
CA ASP A 171 0.72 -6.26 3.03
C ASP A 171 1.71 -5.41 3.85
N GLU A 172 2.99 -5.41 3.49
CA GLU A 172 4.06 -4.65 4.17
C GLU A 172 3.77 -3.14 4.13
N ASN A 173 3.07 -2.65 3.10
CA ASN A 173 2.85 -1.19 2.89
C ASN A 173 1.44 -0.79 3.34
N ILE A 174 0.87 -1.57 4.25
CA ILE A 174 -0.48 -1.33 4.83
C ILE A 174 -0.37 -1.45 6.35
N LEU A 175 -0.75 -0.40 7.07
CA LEU A 175 -0.76 -0.36 8.56
C LEU A 175 -2.21 -0.55 9.04
N ILE A 176 -2.39 -1.36 10.07
CA ILE A 176 -3.70 -1.53 10.76
C ILE A 176 -3.66 -0.69 12.05
N ASP A 177 -4.58 0.26 12.20
CA ASP A 177 -4.95 0.92 13.49
C ASP A 177 -5.89 -0.04 14.22
N LEU A 178 -5.35 -0.76 15.21
CA LEU A 178 -6.00 -1.92 15.87
C LEU A 178 -7.21 -1.46 16.70
N ASN A 179 -7.19 -0.26 17.27
CA ASN A 179 -8.34 0.24 18.08
C ASN A 179 -9.46 0.70 17.14
N ARG A 180 -9.12 1.34 16.02
CA ARG A 180 -10.12 1.94 15.09
C ARG A 180 -10.52 0.92 14.00
N GLY A 181 -9.70 -0.11 13.75
CA GLY A 181 -9.93 -1.07 12.64
C GLY A 181 -9.78 -0.41 11.26
N GLU A 182 -8.97 0.65 11.16
CA GLU A 182 -8.68 1.41 9.93
C GLU A 182 -7.36 0.97 9.31
N LEU A 183 -7.35 0.68 8.00
CA LEU A 183 -6.10 0.42 7.23
C LEU A 183 -5.60 1.75 6.64
N LYS A 184 -4.28 1.91 6.55
CA LYS A 184 -3.61 3.14 6.04
C LYS A 184 -2.44 2.75 5.13
N LEU A 185 -2.39 3.30 3.92
CA LEU A 185 -1.30 3.07 2.95
C LEU A 185 -0.06 3.83 3.37
N ILE A 186 1.11 3.21 3.25
CA ILE A 186 2.43 3.89 3.45
C ILE A 186 3.33 3.64 2.24
N ASP A 187 4.43 4.40 2.21
CA ASP A 187 5.61 4.29 1.31
C ASP A 187 5.18 4.56 -0.13
N PHE A 188 5.12 5.83 -0.50
CA PHE A 188 4.89 6.32 -1.89
C PHE A 188 6.21 6.51 -2.63
N GLY A 189 7.31 5.95 -2.12
CA GLY A 189 8.67 6.18 -2.64
C GLY A 189 8.95 5.44 -3.94
N SER A 190 8.10 4.49 -4.33
CA SER A 190 8.14 3.85 -5.67
C SER A 190 6.99 4.42 -6.52
N GLY A 191 6.32 5.47 -6.04
CA GLY A 191 5.07 5.99 -6.63
C GLY A 191 5.29 6.74 -7.93
N ALA A 192 4.24 7.33 -8.48
CA ALA A 192 4.28 8.17 -9.70
C ALA A 192 2.99 8.97 -9.83
N LEU A 193 3.04 10.05 -10.58
CA LEU A 193 1.81 10.74 -11.06
C LEU A 193 1.07 9.73 -11.94
N LEU A 194 -0.24 9.62 -11.76
CA LEU A 194 -1.11 8.73 -12.58
C LEU A 194 -1.21 9.30 -14.00
N LYS A 195 -0.90 8.50 -15.02
CA LYS A 195 -1.12 8.87 -16.45
C LYS A 195 -1.87 7.73 -17.15
N ASP A 196 -2.47 8.03 -18.30
CA ASP A 196 -3.24 7.05 -19.11
C ASP A 196 -2.30 6.36 -20.11
N THR A 197 -1.06 6.83 -20.22
CA THR A 197 -0.05 6.27 -21.16
C THR A 197 0.75 5.18 -20.44
N VAL A 198 1.62 4.50 -21.18
CA VAL A 198 2.36 3.29 -20.73
C VAL A 198 3.47 3.72 -19.77
N TYR A 199 3.74 2.93 -18.74
CA TYR A 199 4.91 3.06 -17.85
C TYR A 199 5.98 2.06 -18.33
N THR A 200 7.25 2.46 -18.34
CA THR A 200 8.40 1.60 -18.78
C THR A 200 9.47 1.50 -17.69
N ASP A 201 9.25 2.13 -16.53
CA ASP A 201 10.09 2.00 -15.31
C ASP A 201 9.23 1.39 -14.18
N PHE A 202 9.86 0.72 -13.22
CA PHE A 202 9.20 0.14 -12.02
C PHE A 202 10.23 -0.19 -10.94
N ASP A 203 10.11 0.39 -9.74
CA ASP A 203 10.99 0.12 -8.57
C ASP A 203 10.19 -0.47 -7.41
N GLY A 204 9.04 -1.10 -7.71
CA GLY A 204 8.14 -1.71 -6.71
C GLY A 204 8.54 -3.16 -6.46
N THR A 205 7.67 -3.94 -5.83
CA THR A 205 7.98 -5.33 -5.41
C THR A 205 7.67 -6.30 -6.56
N ARG A 206 8.67 -7.09 -6.98
CA ARG A 206 8.60 -7.91 -8.22
C ARG A 206 7.47 -8.95 -8.12
N VAL A 207 7.27 -9.56 -6.95
CA VAL A 207 6.29 -10.65 -6.75
C VAL A 207 4.85 -10.11 -6.73
N TYR A 208 4.64 -8.79 -6.64
CA TYR A 208 3.29 -8.15 -6.79
C TYR A 208 3.11 -7.49 -8.16
N SER A 209 4.14 -7.54 -9.04
CA SER A 209 4.18 -6.90 -10.38
C SER A 209 3.50 -7.81 -11.39
N PRO A 210 2.87 -7.23 -12.44
CA PRO A 210 2.02 -8.02 -13.33
C PRO A 210 2.83 -8.71 -14.44
N PRO A 211 2.22 -9.69 -15.14
CA PRO A 211 2.94 -10.49 -16.11
C PRO A 211 3.50 -9.61 -17.25
N GLU A 212 2.78 -8.56 -17.64
CA GLU A 212 3.18 -7.65 -18.75
C GLU A 212 4.47 -6.92 -18.36
N TRP A 213 4.72 -6.70 -17.06
CA TRP A 213 5.97 -6.08 -16.58
C TRP A 213 7.13 -7.07 -16.71
N ILE A 214 6.91 -8.31 -16.24
CA ILE A 214 7.89 -9.43 -16.32
C ILE A 214 8.28 -9.65 -17.80
N ARG A 215 7.31 -9.85 -18.69
CA ARG A 215 7.51 -10.21 -20.12
C ARG A 215 8.07 -9.03 -20.93
N TYR A 216 7.46 -7.85 -20.83
CA TYR A 216 7.64 -6.74 -21.82
C TYR A 216 8.15 -5.42 -21.20
N HIS A 217 8.39 -5.35 -19.90
CA HIS A 217 8.90 -4.12 -19.22
C HIS A 217 7.98 -2.93 -19.57
N ARG A 218 6.66 -3.19 -19.61
CA ARG A 218 5.58 -2.20 -19.87
C ARG A 218 4.35 -2.54 -19.02
N TYR A 219 3.59 -1.54 -18.58
CA TYR A 219 2.27 -1.73 -17.92
C TYR A 219 1.50 -0.42 -17.98
N HIS A 220 0.19 -0.49 -17.79
CA HIS A 220 -0.68 0.69 -17.50
C HIS A 220 -1.03 0.67 -16.00
N GLY A 221 -1.18 1.85 -15.41
CA GLY A 221 -1.24 2.07 -13.95
C GLY A 221 -2.39 1.32 -13.29
N ARG A 222 -3.61 1.56 -13.75
CA ARG A 222 -4.85 1.01 -13.17
C ARG A 222 -4.78 -0.51 -13.24
N SER A 223 -4.45 -1.03 -14.40
CA SER A 223 -4.50 -2.48 -14.69
C SER A 223 -3.43 -3.17 -13.84
N ALA A 224 -2.25 -2.57 -13.68
CA ALA A 224 -1.17 -3.11 -12.83
C ALA A 224 -1.59 -3.09 -11.35
N ALA A 225 -2.21 -1.98 -10.90
CA ALA A 225 -2.73 -1.83 -9.53
C ALA A 225 -3.70 -2.97 -9.23
N VAL A 226 -4.60 -3.28 -10.15
CA VAL A 226 -5.62 -4.36 -9.95
C VAL A 226 -4.90 -5.71 -9.84
N TRP A 227 -3.86 -5.95 -10.65
CA TRP A 227 -3.05 -7.19 -10.50
C TRP A 227 -2.51 -7.29 -9.08
N SER A 228 -1.81 -6.27 -8.60
CA SER A 228 -1.20 -6.27 -7.24
C SER A 228 -2.30 -6.44 -6.18
N LEU A 229 -3.52 -5.95 -6.44
CA LEU A 229 -4.64 -6.09 -5.47
C LEU A 229 -5.13 -7.54 -5.49
N GLY A 230 -5.05 -8.21 -6.64
CA GLY A 230 -5.31 -9.66 -6.74
C GLY A 230 -4.33 -10.47 -5.88
N ILE A 231 -3.04 -10.13 -5.95
CA ILE A 231 -1.96 -10.77 -5.14
C ILE A 231 -2.28 -10.55 -3.67
N LEU A 232 -2.62 -9.30 -3.30
CA LEU A 232 -2.91 -8.92 -1.89
C LEU A 232 -4.09 -9.72 -1.34
N LEU A 233 -5.15 -9.90 -2.14
CA LEU A 233 -6.39 -10.58 -1.68
C LEU A 233 -6.08 -12.07 -1.46
N TYR A 234 -5.33 -12.69 -2.37
CA TYR A 234 -4.82 -14.08 -2.21
C TYR A 234 -4.03 -14.16 -0.90
N ASP A 235 -3.11 -13.22 -0.70
CA ASP A 235 -2.26 -13.12 0.51
C ASP A 235 -3.15 -13.16 1.76
N MET A 236 -4.24 -12.40 1.76
CA MET A 236 -5.14 -12.29 2.93
C MET A 236 -5.86 -13.62 3.18
N VAL A 237 -6.42 -14.26 2.17
CA VAL A 237 -7.33 -15.42 2.40
C VAL A 237 -6.54 -16.75 2.40
N CYS A 238 -5.29 -16.75 1.95
CA CYS A 238 -4.46 -17.98 1.88
C CYS A 238 -3.27 -17.92 2.85
N GLY A 239 -2.96 -16.75 3.39
CA GLY A 239 -1.92 -16.58 4.41
C GLY A 239 -0.54 -16.34 3.81
N ASP A 240 -0.41 -16.38 2.48
CA ASP A 240 0.80 -15.91 1.76
C ASP A 240 0.48 -15.63 0.29
N ILE A 241 1.36 -14.88 -0.38
CA ILE A 241 1.24 -14.54 -1.82
C ILE A 241 1.27 -15.83 -2.65
N PRO A 242 0.64 -15.83 -3.85
CA PRO A 242 0.58 -17.05 -4.66
C PRO A 242 1.86 -17.38 -5.47
N PHE A 243 2.66 -16.37 -5.83
CA PHE A 243 3.77 -16.49 -6.80
C PHE A 243 5.06 -15.98 -6.17
N GLU A 244 6.15 -16.72 -6.39
CA GLU A 244 7.53 -16.35 -5.99
C GLU A 244 8.38 -16.11 -7.25
N HIS A 245 8.13 -16.81 -8.35
CA HIS A 245 9.03 -16.83 -9.53
C HIS A 245 8.31 -16.27 -10.75
N ASP A 246 9.09 -15.71 -11.68
CA ASP A 246 8.62 -15.08 -12.94
C ASP A 246 7.68 -16.07 -13.66
N GLU A 247 8.04 -17.35 -13.69
CA GLU A 247 7.32 -18.41 -14.44
C GLU A 247 5.87 -18.49 -13.92
N GLU A 248 5.72 -18.45 -12.59
CA GLU A 248 4.40 -18.52 -11.90
C GLU A 248 3.59 -17.28 -12.25
N ILE A 249 4.20 -16.09 -12.21
CA ILE A 249 3.55 -14.77 -12.50
C ILE A 249 2.96 -14.81 -13.92
N ILE A 250 3.74 -15.23 -14.92
CA ILE A 250 3.30 -15.26 -16.35
C ILE A 250 2.49 -16.54 -16.63
N GLY A 251 2.47 -17.51 -15.70
CA GLY A 251 1.86 -18.84 -15.87
C GLY A 251 0.35 -18.80 -16.01
N GLY A 252 -0.34 -17.90 -15.31
CA GLY A 252 -1.81 -17.77 -15.39
C GLY A 252 -2.56 -18.90 -14.70
N GLN A 253 -1.98 -19.43 -13.62
CA GLN A 253 -2.53 -20.57 -12.83
C GLN A 253 -2.54 -20.16 -11.36
N VAL A 254 -3.70 -20.19 -10.74
CA VAL A 254 -3.85 -19.87 -9.29
C VAL A 254 -4.40 -21.10 -8.59
N PHE A 255 -3.57 -21.74 -7.76
CA PHE A 255 -3.98 -22.89 -6.92
C PHE A 255 -4.28 -22.31 -5.52
N PHE A 256 -5.40 -22.71 -4.93
CA PHE A 256 -5.80 -22.35 -3.54
C PHE A 256 -5.35 -23.45 -2.59
N ARG A 257 -4.47 -23.07 -1.66
CA ARG A 257 -3.83 -23.93 -0.63
C ARG A 257 -4.74 -24.00 0.59
N GLN A 258 -5.79 -23.19 0.59
CA GLN A 258 -6.71 -22.94 1.71
C GLN A 258 -8.15 -22.98 1.16
N ARG A 259 -9.10 -23.41 1.98
CA ARG A 259 -10.55 -23.31 1.67
C ARG A 259 -10.90 -21.83 1.48
N VAL A 260 -11.36 -21.47 0.28
CA VAL A 260 -11.77 -20.09 -0.12
C VAL A 260 -13.07 -20.24 -0.90
N SER A 261 -14.07 -19.41 -0.61
CA SER A 261 -15.39 -19.38 -1.28
C SER A 261 -15.19 -19.22 -2.78
N SEP A 262 -16.13 -19.79 -3.53
CA SEP A 262 -16.18 -19.71 -5.00
CB SEP A 262 -17.39 -20.48 -5.50
OG SEP A 262 -17.26 -21.89 -5.12
C SEP A 262 -16.19 -18.24 -5.47
O SEP A 262 -15.50 -17.89 -6.42
P SEP A 262 -18.34 -22.57 -4.04
O1P SEP A 262 -19.74 -22.41 -4.62
O2P SEP A 262 -17.92 -24.06 -3.96
O3P SEP A 262 -18.17 -21.80 -2.72
N GLU A 263 -16.94 -17.39 -4.76
CA GLU A 263 -17.06 -15.99 -5.14
CA GLU A 263 -17.06 -15.99 -5.14
C GLU A 263 -15.70 -15.30 -4.94
N CYS A 264 -15.01 -15.59 -3.84
CA CYS A 264 -13.67 -15.00 -3.55
C CYS A 264 -12.65 -15.55 -4.57
N GLN A 265 -12.65 -16.85 -4.85
CA GLN A 265 -11.74 -17.43 -5.88
C GLN A 265 -11.99 -16.72 -7.22
N HIS A 266 -13.25 -16.51 -7.59
CA HIS A 266 -13.61 -15.86 -8.88
C HIS A 266 -13.02 -14.44 -8.92
N LEU A 267 -13.21 -13.62 -7.88
CA LEU A 267 -12.69 -12.22 -7.85
C LEU A 267 -11.16 -12.24 -7.97
N ILE A 268 -10.48 -13.08 -7.21
CA ILE A 268 -9.00 -13.19 -7.24
C ILE A 268 -8.55 -13.51 -8.67
N ARG A 269 -9.16 -14.50 -9.31
CA ARG A 269 -8.74 -14.97 -10.65
C ARG A 269 -8.97 -13.85 -11.68
N TRP A 270 -10.03 -13.06 -11.49
CA TRP A 270 -10.40 -11.93 -12.37
C TRP A 270 -9.33 -10.83 -12.27
N CYS A 271 -8.89 -10.47 -11.06
CA CYS A 271 -7.82 -9.47 -10.82
C CYS A 271 -6.49 -9.98 -11.38
N LEU A 272 -6.31 -11.30 -11.41
CA LEU A 272 -5.05 -11.96 -11.87
C LEU A 272 -5.22 -12.49 -13.30
N ALA A 273 -6.15 -11.93 -14.08
CA ALA A 273 -6.20 -12.15 -15.56
C ALA A 273 -4.86 -11.77 -16.19
N LEU A 274 -4.29 -12.67 -17.00
CA LEU A 274 -3.01 -12.44 -17.73
C LEU A 274 -3.10 -11.21 -18.65
N ARG A 275 -4.19 -11.06 -19.41
CA ARG A 275 -4.43 -9.88 -20.30
C ARG A 275 -4.93 -8.73 -19.42
N PRO A 276 -4.19 -7.60 -19.34
CA PRO A 276 -4.62 -6.41 -18.60
C PRO A 276 -6.08 -5.97 -18.82
N SER A 277 -6.54 -6.01 -20.07
CA SER A 277 -7.88 -5.54 -20.49
C SER A 277 -8.95 -6.49 -19.96
N ASP A 278 -8.58 -7.72 -19.59
CA ASP A 278 -9.51 -8.73 -19.00
C ASP A 278 -9.69 -8.51 -17.50
N ARG A 279 -8.88 -7.64 -16.88
CA ARG A 279 -8.95 -7.39 -15.42
C ARG A 279 -10.14 -6.48 -15.16
N PRO A 280 -10.76 -6.56 -13.96
CA PRO A 280 -11.87 -5.68 -13.61
C PRO A 280 -11.40 -4.26 -13.34
N THR A 281 -12.35 -3.32 -13.40
CA THR A 281 -12.18 -1.94 -12.91
C THR A 281 -12.34 -1.93 -11.38
N PHE A 282 -11.95 -0.84 -10.74
CA PHE A 282 -12.19 -0.64 -9.28
C PHE A 282 -13.69 -0.77 -9.03
N GLU A 283 -14.51 -0.23 -9.93
CA GLU A 283 -16.00 -0.31 -9.86
C GLU A 283 -16.46 -1.77 -9.86
N GLU A 284 -16.04 -2.55 -10.85
CA GLU A 284 -16.41 -3.98 -10.98
C GLU A 284 -15.95 -4.79 -9.76
N ILE A 285 -14.76 -4.54 -9.24
CA ILE A 285 -14.30 -5.18 -7.96
C ILE A 285 -15.33 -4.86 -6.87
N GLN A 286 -15.68 -3.58 -6.70
CA GLN A 286 -16.49 -3.17 -5.51
C GLN A 286 -17.95 -3.57 -5.72
N ASN A 287 -18.38 -3.86 -6.95
CA ASN A 287 -19.74 -4.36 -7.25
C ASN A 287 -19.76 -5.88 -7.25
N HIS A 288 -18.59 -6.54 -7.11
CA HIS A 288 -18.50 -8.02 -7.16
C HIS A 288 -19.32 -8.60 -6.01
N PRO A 289 -20.05 -9.72 -6.22
CA PRO A 289 -20.83 -10.33 -5.16
C PRO A 289 -20.06 -10.61 -3.86
N TRP A 290 -18.79 -11.02 -3.95
CA TRP A 290 -17.94 -11.26 -2.75
C TRP A 290 -17.75 -9.97 -1.92
N MET A 291 -17.87 -8.79 -2.51
CA MET A 291 -17.53 -7.51 -1.84
C MET A 291 -18.74 -6.88 -1.12
N GLN A 292 -19.90 -7.54 -1.13
CA GLN A 292 -21.16 -6.99 -0.55
C GLN A 292 -21.19 -7.28 0.96
N ASP A 293 -21.90 -6.42 1.71
CA ASP A 293 -22.16 -6.52 3.17
C ASP A 293 -20.83 -6.42 3.93
N VAL A 294 -20.03 -5.39 3.62
CA VAL A 294 -18.73 -5.15 4.31
C VAL A 294 -19.00 -4.60 5.71
N LEU A 295 -18.21 -5.00 6.70
CA LEU A 295 -18.24 -4.45 8.07
C LEU A 295 -17.71 -3.00 8.05
N LEU A 296 -18.19 -2.15 8.95
CA LEU A 296 -17.59 -0.81 9.22
C LEU A 296 -16.26 -1.04 9.92
N PRO A 297 -15.31 -0.08 9.84
CA PRO A 297 -14.04 -0.20 10.55
C PRO A 297 -14.16 -0.55 12.06
N GLN A 298 -15.05 0.13 12.79
CA GLN A 298 -15.26 -0.10 14.26
C GLN A 298 -15.79 -1.52 14.50
N GLU A 299 -16.83 -1.94 13.78
CA GLU A 299 -17.34 -3.34 13.78
C GLU A 299 -16.17 -4.31 13.60
N THR A 300 -15.31 -4.06 12.59
CA THR A 300 -14.13 -4.89 12.25
C THR A 300 -13.21 -4.96 13.47
N ALA A 301 -12.96 -3.83 14.13
CA ALA A 301 -12.10 -3.76 15.34
C ALA A 301 -12.75 -4.60 16.46
N GLU A 302 -14.04 -4.39 16.73
CA GLU A 302 -14.75 -5.03 17.86
C GLU A 302 -14.70 -6.54 17.67
N ILE A 303 -15.00 -7.03 16.47
CA ILE A 303 -15.21 -8.47 16.21
C ILE A 303 -13.87 -9.20 16.08
N HIS A 304 -12.85 -8.58 15.48
CA HIS A 304 -11.62 -9.26 14.99
C HIS A 304 -10.33 -8.73 15.61
N LEU A 305 -10.27 -7.49 16.11
CA LEU A 305 -8.97 -6.90 16.54
C LEU A 305 -8.88 -6.77 18.07
N HIS A 306 -9.91 -6.23 18.74
CA HIS A 306 -9.94 -6.04 20.23
C HIS A 306 -9.89 -7.41 20.92
N ARG B 2 8.24 -23.22 1.05
CA ARG B 2 7.03 -22.62 1.72
C ARG B 2 7.44 -21.86 2.98
N LYS B 3 8.37 -20.91 2.84
CA LYS B 3 8.71 -19.94 3.91
C LYS B 3 8.03 -18.62 3.52
N ARG B 4 7.12 -18.13 4.34
CA ARG B 4 6.54 -16.77 4.17
C ARG B 4 7.62 -15.76 4.52
N ARG B 5 7.87 -14.78 3.65
CA ARG B 5 8.93 -13.77 3.85
C ARG B 5 8.57 -12.44 3.19
N ARG B 6 9.15 -11.35 3.70
CA ARG B 6 9.12 -10.00 3.11
C ARG B 6 9.90 -10.03 1.80
N HIS B 7 9.60 -9.12 0.89
CA HIS B 7 10.25 -9.01 -0.44
C HIS B 7 10.65 -7.55 -0.66
N PRO B 8 11.92 -7.29 -1.04
CA PRO B 8 12.39 -5.91 -1.22
C PRO B 8 11.73 -5.20 -2.40
N SER B 9 11.72 -3.86 -2.37
CA SER B 9 11.21 -2.99 -3.45
C SER B 9 12.36 -2.13 -4.01
C1 OD4 C . 8.88 3.70 4.42
C2 OD4 C . 8.17 3.55 5.71
C3 OD4 C . 6.55 3.82 7.55
C4 OD4 C . 7.20 2.62 7.55
C5 OD4 C . 8.29 2.61 6.69
C6 OD4 C . 5.65 4.35 8.56
C10 OD4 C . 4.51 4.18 10.70
C11 OD4 C . 5.40 3.64 9.75
C12 OD4 C . 5.32 1.93 11.34
C13 OD4 C . 5.95 2.38 10.21
C14 OD4 C . 5.43 0.59 11.96
C15 OD4 C . 10.89 3.13 3.12
C16 OD4 C . 12.37 3.18 3.44
C17 OD4 C . 13.20 3.83 2.38
N1 OD4 C . 10.06 3.08 4.32
O1 OD4 C . 8.36 4.38 3.53
S1 OD4 C . 6.93 4.69 6.10
C7 OD4 C . 4.98 5.55 8.35
C8 OD4 C . 4.10 6.07 9.30
C9 OD4 C . 3.86 5.40 10.47
S2 OD4 C . 4.34 3.16 12.10
O2 OD4 C . 4.95 0.43 13.07
O3 OD4 C . 6.00 -0.27 11.31
N2 OD4 C . 13.44 5.25 2.66
C1 GOL D . -10.03 -13.25 12.51
O1 GOL D . -10.99 -13.70 13.46
C2 GOL D . -9.30 -14.39 11.84
O2 GOL D . -9.08 -14.09 10.47
C3 GOL D . -7.95 -14.72 12.46
O3 GOL D . -7.13 -15.46 11.56
#